data_5VMB
#
_entry.id   5VMB
#
_cell.length_a   95.840
_cell.length_b   95.840
_cell.length_c   109.690
_cell.angle_alpha   90.000
_cell.angle_beta   90.000
_cell.angle_gamma   120.000
#
_symmetry.space_group_name_H-M   'P 64'
#
loop_
_entity.id
_entity.type
_entity.pdbx_description
1 polymer 'Serine hydroxymethyltransferase'
2 water water
#
_entity_poly.entity_id   1
_entity_poly.type   'polypeptide(L)'
_entity_poly.pdbx_seq_one_letter_code
;MAHHHHHHMFANISISEFDPELAQAIASEDERQEAHIELIASENYCSPAVMEAQGSKLTNKYAEGYPGKRYYGGCEFVDV
IEQMAIDRAKELFGADYANVQPHAGSQANSAVYLALLNPGDTVLGMSLAHGGHLTHGAKVSFSGKTYNAVQYGLNAETGE
IDYEEVERLALEHKPRMIVAGFSAYSRVVDWQRFRDIADKVGAYLFVDMAHVAGLVAAGVYPNPVQIADVTTTTTHKTLR
GPRSGLILAKANEEIEKKLQSAVFPGNQGGPLMHAIAAKAICFKEAMSDDFKAYQQQVVKNAQAMAEVFIARGYDVVSGG
TDNHLFLLSLIKQDVTGKDADAWLGAAHITVNKNSVPNDPRSPFVTSGIRIGTPAVTTRGFGEAEVRELAGWIADVIDSK
GDEKVIADVKAKVEAVCAKFPVYAK
;
_entity_poly.pdbx_strand_id   A
#
# COMPACT_ATOMS: atom_id res chain seq x y z
N HIS A 6 -1.07 -15.77 46.28
CA HIS A 6 -1.83 -14.78 45.50
C HIS A 6 -0.94 -14.10 44.46
N HIS A 7 -1.58 -13.67 43.37
CA HIS A 7 -0.99 -12.84 42.34
C HIS A 7 -2.09 -11.94 41.80
N HIS A 8 -1.71 -10.86 41.13
CA HIS A 8 -2.68 -9.84 40.78
C HIS A 8 -3.60 -10.30 39.64
N MET A 9 -4.81 -9.75 39.64
CA MET A 9 -5.77 -9.92 38.55
C MET A 9 -5.74 -8.69 37.66
N PHE A 10 -6.27 -8.84 36.46
CA PHE A 10 -6.27 -7.73 35.52
C PHE A 10 -7.24 -6.66 35.99
N ALA A 11 -6.80 -5.40 35.96
CA ALA A 11 -7.69 -4.30 36.30
C ALA A 11 -7.83 -3.41 35.08
N ASN A 12 -7.88 -2.09 35.30
CA ASN A 12 -7.96 -1.14 34.20
C ASN A 12 -6.71 -0.28 34.22
N ILE A 13 -5.57 -0.94 34.09
CA ILE A 13 -4.26 -0.33 34.27
C ILE A 13 -3.71 0.00 32.89
N SER A 14 -3.64 1.30 32.59
CA SER A 14 -3.19 1.82 31.32
C SER A 14 -1.67 1.69 31.18
N ILE A 15 -1.15 2.01 29.99
CA ILE A 15 0.30 1.98 29.78
C ILE A 15 0.97 3.07 30.60
N SER A 16 0.33 4.25 30.69
CA SER A 16 0.88 5.32 31.52
C SER A 16 1.06 4.87 32.96
N GLU A 17 0.04 4.23 33.54
CA GLU A 17 0.13 3.94 34.97
C GLU A 17 1.13 2.83 35.24
N PHE A 18 1.36 1.94 34.26
CA PHE A 18 2.28 0.81 34.46
C PHE A 18 3.69 1.06 33.95
N ASP A 19 3.83 1.71 32.80
CA ASP A 19 5.09 1.73 32.04
C ASP A 19 5.34 3.13 31.50
N PRO A 20 5.66 4.09 32.38
CA PRO A 20 5.83 5.47 31.92
C PRO A 20 6.92 5.61 30.86
N GLU A 21 7.99 4.81 30.94
CA GLU A 21 9.03 4.86 29.90
C GLU A 21 8.44 4.57 28.52
N LEU A 22 7.64 3.52 28.39
CA LEU A 22 7.02 3.27 27.10
C LEU A 22 5.99 4.35 26.76
N ALA A 23 5.18 4.78 27.74
CA ALA A 23 4.11 5.71 27.43
C ALA A 23 4.66 7.01 26.87
N GLN A 24 5.83 7.44 27.36
CA GLN A 24 6.48 8.64 26.84
C GLN A 24 6.92 8.45 25.39
N ALA A 25 7.46 7.28 25.06
CA ALA A 25 7.92 7.01 23.70
C ALA A 25 6.74 6.91 22.73
N ILE A 26 5.68 6.24 23.15
CA ILE A 26 4.47 6.21 22.32
C ILE A 26 3.99 7.63 22.08
N ALA A 27 4.01 8.48 23.11
CA ALA A 27 3.50 9.82 22.96
C ALA A 27 4.37 10.66 22.05
N SER A 28 5.69 10.53 22.15
CA SER A 28 6.56 11.26 21.24
C SER A 28 6.29 10.86 19.79
N GLU A 29 6.07 9.57 19.55
CA GLU A 29 5.78 9.14 18.18
C GLU A 29 4.52 9.78 17.66
N ASP A 30 3.47 9.82 18.49
CA ASP A 30 2.18 10.34 18.03
C ASP A 30 2.27 11.83 17.74
N GLU A 31 3.01 12.57 18.55
CA GLU A 31 3.19 13.99 18.25
C GLU A 31 4.07 14.19 17.03
N ARG A 32 5.14 13.40 16.91
CA ARG A 32 5.93 13.43 15.67
C ARG A 32 5.04 13.18 14.46
N GLN A 33 4.18 12.17 14.56
CA GLN A 33 3.28 11.90 13.46
C GLN A 33 2.32 13.07 13.22
N GLU A 34 1.88 13.75 14.28
CA GLU A 34 0.98 14.88 14.10
C GLU A 34 1.68 16.08 13.49
N ALA A 35 2.96 16.28 13.80
CA ALA A 35 3.72 17.46 13.39
C ALA A 35 4.60 17.21 12.16
N HIS A 36 4.31 16.18 11.36
CA HIS A 36 5.09 15.84 10.16
C HIS A 36 4.14 15.57 9.00
N ILE A 37 4.38 16.22 7.88
CA ILE A 37 3.72 15.88 6.62
C ILE A 37 4.36 14.59 6.09
N GLU A 38 3.55 13.55 5.88
CA GLU A 38 4.03 12.25 5.43
C GLU A 38 3.51 11.98 4.01
N LEU A 39 4.41 12.06 3.03
CA LEU A 39 4.12 11.85 1.62
C LEU A 39 4.70 10.54 1.09
N ILE A 40 4.94 9.56 1.96
CA ILE A 40 5.38 8.25 1.51
C ILE A 40 4.16 7.50 0.99
N ALA A 41 4.16 7.20 -0.31
CA ALA A 41 2.95 6.76 -1.00
C ALA A 41 2.28 5.57 -0.34
N SER A 42 3.02 4.77 0.42
CA SER A 42 2.48 3.57 1.05
C SER A 42 2.02 3.81 2.49
N GLU A 43 1.74 5.04 2.88
CA GLU A 43 1.43 5.34 4.28
C GLU A 43 0.06 5.97 4.44
N ASN A 44 -0.65 5.58 5.48
CA ASN A 44 -1.96 6.12 5.81
C ASN A 44 -2.14 6.18 7.33
N TYR A 45 -3.25 6.79 7.75
CA TYR A 45 -3.70 6.79 9.13
C TYR A 45 -5.04 6.09 9.14
N CYS A 46 -5.13 4.98 9.87
CA CYS A 46 -6.39 4.22 9.88
C CYS A 46 -7.30 4.72 11.01
N SER A 47 -8.59 4.37 10.94
CA SER A 47 -9.59 4.98 11.84
C SER A 47 -9.44 4.54 13.29
N PRO A 48 -10.01 5.31 14.23
CA PRO A 48 -10.13 4.82 15.61
C PRO A 48 -10.82 3.48 15.74
N ALA A 49 -11.79 3.17 14.89
CA ALA A 49 -12.42 1.86 14.95
C ALA A 49 -11.45 0.74 14.55
N VAL A 50 -10.61 0.97 13.54
CA VAL A 50 -9.65 -0.06 13.17
C VAL A 50 -8.71 -0.34 14.34
N MET A 51 -8.19 0.73 14.95
CA MET A 51 -7.29 0.53 16.08
C MET A 51 -8.01 -0.16 17.24
N GLU A 52 -9.31 0.09 17.41
CA GLU A 52 -10.03 -0.53 18.50
C GLU A 52 -10.11 -2.05 18.31
N ALA A 53 -10.34 -2.51 17.07
CA ALA A 53 -10.35 -3.94 16.83
C ALA A 53 -8.99 -4.57 17.09
N GLN A 54 -7.90 -3.93 16.64
CA GLN A 54 -6.58 -4.48 16.97
C GLN A 54 -6.36 -4.52 18.48
N GLY A 55 -6.93 -3.58 19.21
CA GLY A 55 -6.77 -3.58 20.65
C GLY A 55 -7.73 -4.47 21.40
N SER A 56 -8.52 -5.28 20.69
CA SER A 56 -9.59 -6.04 21.31
C SER A 56 -9.07 -7.27 22.03
N LYS A 57 -9.99 -7.97 22.72
CA LYS A 57 -9.63 -9.23 23.36
C LYS A 57 -9.56 -10.41 22.38
N LEU A 58 -9.88 -10.20 21.10
CA LEU A 58 -9.75 -11.27 20.14
C LEU A 58 -8.32 -11.82 20.03
N THR A 59 -7.30 -11.05 20.45
CA THR A 59 -5.94 -11.57 20.51
C THR A 59 -5.84 -12.84 21.34
N ASN A 60 -6.79 -13.08 22.25
CA ASN A 60 -6.74 -14.23 23.15
C ASN A 60 -7.30 -15.51 22.55
N LYS A 61 -7.91 -15.48 21.37
CA LYS A 61 -8.40 -16.71 20.75
C LYS A 61 -7.31 -17.26 19.83
N TYR A 62 -6.95 -18.52 20.03
CA TYR A 62 -6.14 -19.27 19.07
C TYR A 62 -7.10 -20.09 18.22
N ALA A 63 -7.20 -19.77 16.94
CA ALA A 63 -8.20 -20.40 16.08
C ALA A 63 -7.49 -21.06 14.89
N GLU A 64 -6.84 -22.18 15.16
CA GLU A 64 -6.04 -22.84 14.14
C GLU A 64 -6.93 -23.43 13.05
N GLY A 65 -6.87 -22.88 11.84
CA GLY A 65 -7.65 -23.45 10.74
C GLY A 65 -8.45 -22.47 9.91
N TYR A 66 -9.63 -22.89 9.46
CA TYR A 66 -10.57 -22.09 8.70
C TYR A 66 -11.96 -22.28 9.27
N PRO A 67 -12.87 -21.33 9.05
CA PRO A 67 -14.17 -21.38 9.75
C PRO A 67 -14.97 -22.64 9.40
N GLY A 68 -15.58 -23.23 10.43
CA GLY A 68 -16.31 -24.47 10.29
C GLY A 68 -15.45 -25.69 10.11
N LYS A 69 -14.14 -25.51 9.95
CA LYS A 69 -13.19 -26.60 9.86
C LYS A 69 -11.93 -26.18 10.60
N ARG A 70 -12.08 -25.85 11.88
CA ARG A 70 -10.97 -25.57 12.78
C ARG A 70 -10.44 -26.86 13.41
N TYR A 71 -9.34 -26.72 14.14
CA TYR A 71 -8.71 -27.86 14.80
C TYR A 71 -9.18 -27.99 16.24
N TYR A 72 -9.16 -26.90 16.98
CA TYR A 72 -9.70 -26.80 18.33
C TYR A 72 -11.10 -26.20 18.28
N GLY A 73 -11.96 -26.60 19.21
CA GLY A 73 -13.32 -26.13 19.28
C GLY A 73 -13.43 -24.81 20.03
N GLY A 74 -14.68 -24.37 20.21
CA GLY A 74 -14.99 -23.12 20.87
C GLY A 74 -14.93 -21.89 19.99
N CYS A 75 -14.95 -22.06 18.67
CA CYS A 75 -14.79 -20.99 17.71
C CYS A 75 -16.12 -20.52 17.12
N GLU A 76 -17.21 -20.71 17.86
CA GLU A 76 -18.53 -20.26 17.40
C GLU A 76 -18.53 -18.80 16.94
N PHE A 77 -17.89 -17.88 17.68
CA PHE A 77 -18.02 -16.46 17.33
C PHE A 77 -16.85 -15.91 16.52
N VAL A 78 -15.63 -16.43 16.72
CA VAL A 78 -14.55 -16.08 15.80
C VAL A 78 -14.83 -16.64 14.40
N ASP A 79 -15.63 -17.70 14.28
CA ASP A 79 -16.08 -18.12 12.95
C ASP A 79 -16.88 -17.01 12.29
N VAL A 80 -17.81 -16.42 13.03
CA VAL A 80 -18.64 -15.36 12.48
C VAL A 80 -17.79 -14.16 12.10
N ILE A 81 -16.78 -13.85 12.91
CA ILE A 81 -15.94 -12.68 12.64
C ILE A 81 -15.06 -12.91 11.41
N GLU A 82 -14.37 -14.06 11.35
CA GLU A 82 -13.61 -14.35 10.14
C GLU A 82 -14.52 -14.38 8.92
N GLN A 83 -15.69 -15.01 9.03
CA GLN A 83 -16.58 -15.10 7.86
C GLN A 83 -17.10 -13.73 7.47
N MET A 84 -17.35 -12.87 8.45
CA MET A 84 -17.76 -11.49 8.16
C MET A 84 -16.68 -10.76 7.37
N ALA A 85 -15.42 -10.90 7.78
CA ALA A 85 -14.33 -10.26 7.05
C ALA A 85 -14.23 -10.80 5.63
N ILE A 86 -14.30 -12.12 5.49
CA ILE A 86 -14.24 -12.73 4.15
C ILE A 86 -15.37 -12.20 3.29
N ASP A 87 -16.61 -12.27 3.78
CA ASP A 87 -17.76 -11.86 2.98
C ASP A 87 -17.69 -10.38 2.62
N ARG A 88 -17.24 -9.56 3.56
CA ARG A 88 -17.05 -8.14 3.24
C ARG A 88 -15.97 -7.94 2.19
N ALA A 89 -14.80 -8.57 2.36
CA ALA A 89 -13.78 -8.60 1.31
C ALA A 89 -14.36 -8.98 -0.05
N LYS A 90 -15.09 -10.09 -0.09
CA LYS A 90 -15.72 -10.52 -1.35
C LYS A 90 -16.64 -9.43 -1.90
N GLU A 91 -17.55 -8.91 -1.06
CA GLU A 91 -18.48 -7.89 -1.54
C GLU A 91 -17.76 -6.64 -1.99
N LEU A 92 -16.68 -6.28 -1.29
CA LEU A 92 -15.95 -5.05 -1.59
C LEU A 92 -15.29 -5.12 -2.96
N PHE A 93 -14.48 -6.16 -3.19
CA PHE A 93 -13.73 -6.29 -4.43
C PHE A 93 -14.41 -7.20 -5.45
N GLY A 94 -15.61 -7.68 -5.16
CA GLY A 94 -16.32 -8.55 -6.09
C GLY A 94 -15.56 -9.83 -6.36
N ALA A 95 -14.97 -10.42 -5.31
CA ALA A 95 -14.21 -11.65 -5.40
C ALA A 95 -15.11 -12.83 -5.09
N ASP A 96 -14.69 -14.00 -5.56
CA ASP A 96 -15.39 -15.24 -5.21
C ASP A 96 -14.62 -16.06 -4.18
N TYR A 97 -13.35 -15.75 -3.96
CA TYR A 97 -12.57 -16.33 -2.87
C TYR A 97 -11.85 -15.21 -2.13
N ALA A 98 -11.70 -15.39 -0.82
CA ALA A 98 -10.89 -14.47 -0.02
C ALA A 98 -10.30 -15.23 1.16
N ASN A 99 -9.02 -15.00 1.40
CA ASN A 99 -8.33 -15.48 2.60
C ASN A 99 -7.91 -14.25 3.38
N VAL A 100 -8.43 -14.11 4.61
CA VAL A 100 -8.09 -12.95 5.46
C VAL A 100 -7.08 -13.32 6.53
N GLN A 101 -6.46 -14.49 6.45
CA GLN A 101 -5.51 -14.86 7.48
C GLN A 101 -4.09 -14.33 7.31
N PRO A 102 -3.64 -13.84 6.16
CA PRO A 102 -2.22 -13.47 6.06
C PRO A 102 -1.85 -12.34 7.01
N HIS A 103 -0.79 -12.58 7.80
CA HIS A 103 -0.31 -11.63 8.80
C HIS A 103 0.19 -10.33 8.19
N ALA A 104 0.52 -10.33 6.89
CA ALA A 104 1.22 -9.21 6.27
C ALA A 104 1.12 -9.38 4.77
N GLY A 105 1.61 -8.38 4.03
CA GLY A 105 1.62 -8.51 2.58
C GLY A 105 2.59 -9.59 2.13
N SER A 106 3.74 -9.67 2.79
CA SER A 106 4.71 -10.71 2.49
C SER A 106 4.08 -12.10 2.62
N GLN A 107 3.39 -12.35 3.73
CA GLN A 107 2.84 -13.68 3.97
C GLN A 107 1.72 -14.01 2.98
N ALA A 108 1.18 -12.99 2.32
CA ALA A 108 0.13 -13.20 1.33
C ALA A 108 0.72 -13.47 -0.05
N ASN A 109 1.69 -12.65 -0.47
CA ASN A 109 2.37 -12.87 -1.73
C ASN A 109 3.06 -14.24 -1.73
N SER A 110 3.84 -14.52 -0.69
CA SER A 110 4.55 -15.79 -0.58
C SER A 110 3.61 -16.98 -0.72
N ALA A 111 2.46 -16.92 -0.06
CA ALA A 111 1.52 -18.02 -0.15
C ALA A 111 0.96 -18.18 -1.56
N VAL A 112 0.95 -17.12 -2.37
CA VAL A 112 0.53 -17.26 -3.75
C VAL A 112 1.55 -18.08 -4.53
N TYR A 113 2.84 -17.73 -4.38
CA TYR A 113 3.90 -18.50 -5.00
C TYR A 113 3.93 -19.92 -4.46
N LEU A 114 3.71 -20.09 -3.15
CA LEU A 114 3.79 -21.41 -2.56
C LEU A 114 2.71 -22.33 -3.11
N ALA A 115 1.52 -21.78 -3.41
CA ALA A 115 0.40 -22.58 -3.88
C ALA A 115 0.38 -22.77 -5.39
N LEU A 116 1.10 -21.95 -6.17
CA LEU A 116 0.99 -21.97 -7.62
C LEU A 116 2.25 -22.39 -8.36
N LEU A 117 3.41 -22.45 -7.70
CA LEU A 117 4.67 -22.74 -8.37
C LEU A 117 5.35 -23.93 -7.74
N ASN A 118 6.34 -24.43 -8.46
CA ASN A 118 7.13 -25.61 -8.10
C ASN A 118 8.61 -25.27 -8.20
N PRO A 119 9.49 -26.15 -7.64
CA PRO A 119 10.94 -25.96 -7.81
C PRO A 119 11.37 -25.51 -9.19
N GLY A 120 11.87 -24.29 -9.28
CA GLY A 120 12.44 -23.80 -10.52
C GLY A 120 11.45 -23.55 -11.64
N ASP A 121 10.21 -23.20 -11.33
CA ASP A 121 9.32 -22.72 -12.38
C ASP A 121 9.75 -21.31 -12.81
N THR A 122 9.20 -20.84 -13.90
CA THR A 122 9.59 -19.57 -14.49
C THR A 122 8.50 -18.53 -14.23
N VAL A 123 8.93 -17.36 -13.77
CA VAL A 123 8.04 -16.27 -13.41
C VAL A 123 8.46 -15.02 -14.16
N LEU A 124 7.48 -14.31 -14.72
CA LEU A 124 7.72 -13.05 -15.38
C LEU A 124 7.13 -11.95 -14.49
N GLY A 125 7.99 -11.13 -13.90
CA GLY A 125 7.58 -10.01 -13.08
C GLY A 125 8.43 -8.78 -13.30
N MET A 126 8.38 -7.82 -12.38
CA MET A 126 9.08 -6.55 -12.51
C MET A 126 10.10 -6.34 -11.39
N SER A 127 11.16 -5.58 -11.70
CA SER A 127 12.20 -5.26 -10.72
C SER A 127 11.64 -4.40 -9.58
N TYR A 147 13.13 -20.64 -7.56
CA TYR A 147 12.33 -20.12 -8.66
C TYR A 147 13.19 -19.36 -9.67
N ASN A 148 12.84 -19.49 -10.95
CA ASN A 148 13.57 -18.89 -12.06
C ASN A 148 12.86 -17.62 -12.51
N ALA A 149 13.37 -16.47 -12.08
CA ALA A 149 12.74 -15.18 -12.33
C ALA A 149 13.21 -14.59 -13.65
N VAL A 150 12.28 -13.93 -14.35
CA VAL A 150 12.59 -13.13 -15.53
C VAL A 150 11.92 -11.78 -15.35
N GLN A 151 12.67 -10.71 -15.62
CA GLN A 151 12.18 -9.36 -15.38
C GLN A 151 11.40 -8.84 -16.59
N TYR A 152 10.60 -7.80 -16.35
CA TYR A 152 10.09 -6.92 -17.39
C TYR A 152 10.03 -5.51 -16.81
N GLY A 153 9.86 -4.51 -17.67
CA GLY A 153 9.97 -3.15 -17.19
C GLY A 153 9.18 -2.06 -17.89
N LEU A 154 9.55 -0.80 -17.63
CA LEU A 154 8.88 0.37 -18.17
C LEU A 154 9.68 0.93 -19.34
N ASN A 155 8.99 1.17 -20.46
CA ASN A 155 9.63 1.93 -21.53
C ASN A 155 9.88 3.34 -21.03
N ALA A 156 11.15 3.67 -20.75
CA ALA A 156 11.49 5.03 -20.34
C ALA A 156 11.01 6.05 -21.36
N GLU A 157 10.84 5.64 -22.62
CA GLU A 157 10.14 6.45 -23.60
C GLU A 157 8.84 6.98 -23.03
N THR A 158 7.96 6.08 -22.64
CA THR A 158 6.63 6.44 -22.16
C THR A 158 6.59 6.75 -20.68
N GLY A 159 7.55 6.28 -19.89
CA GLY A 159 7.38 6.21 -18.46
C GLY A 159 6.33 5.23 -18.01
N GLU A 160 5.73 4.49 -18.94
CA GLU A 160 4.71 3.49 -18.67
C GLU A 160 5.23 2.11 -19.05
N ILE A 161 4.36 1.11 -18.95
CA ILE A 161 4.75 -0.28 -19.21
C ILE A 161 4.91 -0.51 -20.71
N ASP A 162 5.99 -1.19 -21.08
CA ASP A 162 6.19 -1.64 -22.45
C ASP A 162 5.49 -3.00 -22.59
N TYR A 163 4.21 -2.95 -22.94
CA TYR A 163 3.42 -4.17 -23.04
C TYR A 163 3.89 -5.08 -24.16
N GLU A 164 4.58 -4.54 -25.17
CA GLU A 164 5.19 -5.40 -26.19
C GLU A 164 6.42 -6.12 -25.64
N GLU A 165 7.18 -5.46 -24.77
CA GLU A 165 8.31 -6.14 -24.12
C GLU A 165 7.84 -7.21 -23.15
N VAL A 166 6.68 -7.01 -22.51
CA VAL A 166 6.10 -8.10 -21.73
C VAL A 166 5.61 -9.19 -22.67
N GLU A 167 4.95 -8.81 -23.77
CA GLU A 167 4.40 -9.78 -24.71
C GLU A 167 5.47 -10.75 -25.19
N ARG A 168 6.55 -10.23 -25.77
CA ARG A 168 7.57 -11.10 -26.34
C ARG A 168 8.25 -11.95 -25.27
N LEU A 169 8.39 -11.44 -24.05
CA LEU A 169 9.09 -12.19 -23.01
C LEU A 169 8.33 -13.45 -22.62
N ALA A 170 7.00 -13.36 -22.48
CA ALA A 170 6.22 -14.52 -22.10
C ALA A 170 6.27 -15.61 -23.16
N LEU A 171 6.13 -15.23 -24.44
CA LEU A 171 6.19 -16.21 -25.51
C LEU A 171 7.56 -16.88 -25.56
N GLU A 172 8.62 -16.10 -25.31
CA GLU A 172 9.97 -16.63 -25.42
C GLU A 172 10.36 -17.48 -24.22
N HIS A 173 9.87 -17.16 -23.03
CA HIS A 173 10.28 -17.88 -21.82
C HIS A 173 9.22 -18.85 -21.30
N LYS A 174 7.98 -18.72 -21.76
CA LYS A 174 6.87 -19.56 -21.32
C LYS A 174 6.80 -19.67 -19.80
N PRO A 175 6.68 -18.54 -19.09
CA PRO A 175 6.60 -18.62 -17.62
C PRO A 175 5.28 -19.24 -17.20
N ARG A 176 5.27 -19.83 -16.03
CA ARG A 176 4.02 -20.32 -15.48
C ARG A 176 3.29 -19.25 -14.67
N MET A 177 3.88 -18.07 -14.49
CA MET A 177 3.23 -17.01 -13.74
C MET A 177 3.76 -15.66 -14.18
N ILE A 178 2.89 -14.83 -14.74
CA ILE A 178 3.17 -13.41 -14.90
C ILE A 178 2.61 -12.68 -13.68
N VAL A 179 3.42 -11.79 -13.11
CA VAL A 179 3.03 -11.04 -11.93
C VAL A 179 2.90 -9.58 -12.31
N ALA A 180 1.78 -8.96 -11.91
CA ALA A 180 1.55 -7.56 -12.19
C ALA A 180 1.20 -6.86 -10.88
N GLY A 181 1.81 -5.71 -10.66
CA GLY A 181 1.66 -5.03 -9.39
C GLY A 181 2.86 -4.14 -9.14
N PHE A 182 2.61 -2.88 -8.78
CA PHE A 182 3.65 -1.88 -8.85
C PHE A 182 3.55 -0.94 -7.66
N SER A 183 4.70 -0.40 -7.25
CA SER A 183 4.81 0.47 -6.09
C SER A 183 5.18 1.90 -6.44
N ALA A 184 5.58 2.19 -7.70
CA ALA A 184 5.87 3.56 -8.08
C ALA A 184 5.28 3.92 -9.45
N TYR A 185 4.22 3.25 -9.85
CA TYR A 185 3.61 3.45 -11.17
C TYR A 185 2.44 4.42 -11.03
N SER A 186 2.50 5.54 -11.75
CA SER A 186 1.47 6.57 -11.61
C SER A 186 0.35 6.43 -12.63
N ARG A 187 0.34 5.40 -13.47
CA ARG A 187 -0.70 5.27 -14.47
C ARG A 187 -1.52 4.01 -14.20
N VAL A 188 -2.59 3.88 -14.96
CA VAL A 188 -3.50 2.74 -14.82
C VAL A 188 -2.87 1.51 -15.47
N VAL A 189 -2.74 0.44 -14.70
CA VAL A 189 -2.22 -0.83 -15.23
C VAL A 189 -3.30 -1.48 -16.07
N ASP A 190 -2.95 -1.86 -17.30
CA ASP A 190 -3.91 -2.51 -18.20
C ASP A 190 -4.01 -3.98 -17.82
N TRP A 191 -4.84 -4.26 -16.81
CA TRP A 191 -5.00 -5.63 -16.33
C TRP A 191 -5.42 -6.57 -17.45
N GLN A 192 -6.28 -6.10 -18.37
CA GLN A 192 -6.81 -6.96 -19.41
C GLN A 192 -5.73 -7.34 -20.42
N ARG A 193 -4.84 -6.39 -20.75
CA ARG A 193 -3.72 -6.72 -21.62
C ARG A 193 -2.87 -7.83 -21.01
N PHE A 194 -2.67 -7.78 -19.69
CA PHE A 194 -1.90 -8.83 -19.02
C PHE A 194 -2.63 -10.17 -19.06
N ARG A 195 -3.96 -10.17 -18.95
CA ARG A 195 -4.71 -11.43 -18.96
C ARG A 195 -4.47 -12.20 -20.25
N ASP A 196 -4.80 -11.61 -21.39
CA ASP A 196 -4.65 -12.35 -22.64
C ASP A 196 -3.19 -12.66 -22.94
N ILE A 197 -2.23 -11.87 -22.44
CA ILE A 197 -0.83 -12.26 -22.58
C ILE A 197 -0.55 -13.52 -21.77
N ALA A 198 -1.18 -13.65 -20.59
CA ALA A 198 -1.01 -14.86 -19.82
C ALA A 198 -1.89 -16.01 -20.29
N ASP A 199 -2.94 -15.71 -21.06
CA ASP A 199 -3.75 -16.79 -21.62
C ASP A 199 -3.10 -17.45 -22.82
N LYS A 200 -2.35 -16.69 -23.62
CA LYS A 200 -1.75 -17.24 -24.82
C LYS A 200 -0.68 -18.28 -24.49
N VAL A 201 -0.01 -18.12 -23.35
CA VAL A 201 1.03 -19.04 -22.89
C VAL A 201 0.57 -19.88 -21.70
N GLY A 202 -0.69 -19.75 -21.29
CA GLY A 202 -1.21 -20.58 -20.22
C GLY A 202 -0.70 -20.24 -18.84
N ALA A 203 0.03 -19.14 -18.67
CA ALA A 203 0.56 -18.78 -17.36
C ALA A 203 -0.57 -18.39 -16.41
N TYR A 204 -0.23 -18.34 -15.14
CA TYR A 204 -1.11 -17.72 -14.15
C TYR A 204 -0.94 -16.21 -14.21
N LEU A 205 -2.04 -15.49 -14.06
CA LEU A 205 -1.99 -14.05 -13.88
C LEU A 205 -2.24 -13.75 -12.40
N PHE A 206 -1.20 -13.27 -11.74
CA PHE A 206 -1.22 -12.94 -10.32
C PHE A 206 -0.96 -11.45 -10.21
N VAL A 207 -1.89 -10.74 -9.56
CA VAL A 207 -1.84 -9.29 -9.45
C VAL A 207 -1.67 -8.94 -7.98
N ASP A 208 -0.77 -8.00 -7.70
CA ASP A 208 -0.58 -7.44 -6.36
C ASP A 208 -0.97 -5.97 -6.46
N MET A 209 -2.21 -5.66 -6.07
CA MET A 209 -2.70 -4.29 -6.09
C MET A 209 -2.54 -3.60 -4.76
N ALA A 210 -1.48 -3.93 -4.00
CA ALA A 210 -1.34 -3.37 -2.66
C ALA A 210 -1.34 -1.85 -2.68
N HIS A 211 -0.77 -1.23 -3.70
CA HIS A 211 -0.67 0.22 -3.65
C HIS A 211 -1.94 0.93 -4.11
N VAL A 212 -2.74 0.33 -4.99
CA VAL A 212 -3.88 1.04 -5.53
C VAL A 212 -5.21 0.53 -4.97
N ALA A 213 -5.17 -0.38 -3.97
CA ALA A 213 -6.38 -1.11 -3.60
C ALA A 213 -7.48 -0.18 -3.08
N GLY A 214 -7.12 0.77 -2.22
CA GLY A 214 -8.09 1.79 -1.83
C GLY A 214 -8.75 2.46 -3.01
N LEU A 215 -7.94 2.87 -4.00
CA LEU A 215 -8.51 3.47 -5.20
C LEU A 215 -9.43 2.48 -5.93
N VAL A 216 -9.06 1.20 -5.94
CA VAL A 216 -9.87 0.18 -6.59
C VAL A 216 -11.16 -0.05 -5.81
N ALA A 217 -11.06 -0.07 -4.48
CA ALA A 217 -12.23 -0.33 -3.65
C ALA A 217 -13.26 0.81 -3.77
N ALA A 218 -12.82 2.04 -3.95
CA ALA A 218 -13.77 3.13 -4.15
C ALA A 218 -14.26 3.23 -5.59
N GLY A 219 -13.73 2.44 -6.52
CA GLY A 219 -14.15 2.55 -7.90
C GLY A 219 -13.48 3.65 -8.70
N VAL A 220 -12.38 4.21 -8.20
CA VAL A 220 -11.71 5.31 -8.91
C VAL A 220 -10.60 4.74 -9.79
N TYR A 221 -10.55 3.41 -9.91
CA TYR A 221 -9.42 2.74 -10.59
C TYR A 221 -9.88 1.35 -10.98
N PRO A 222 -9.54 0.88 -12.19
CA PRO A 222 -10.08 -0.40 -12.68
C PRO A 222 -9.67 -1.59 -11.81
N ASN A 223 -10.57 -2.59 -11.74
CA ASN A 223 -10.46 -3.70 -10.78
C ASN A 223 -9.89 -4.95 -11.43
N PRO A 224 -8.73 -5.44 -10.96
CA PRO A 224 -8.15 -6.66 -11.52
C PRO A 224 -8.68 -7.93 -10.89
N VAL A 225 -9.50 -7.82 -9.85
CA VAL A 225 -9.91 -8.98 -9.07
C VAL A 225 -10.59 -10.03 -9.95
N GLN A 226 -11.55 -9.60 -10.78
CA GLN A 226 -12.22 -10.56 -11.65
C GLN A 226 -11.36 -10.99 -12.83
N ILE A 227 -10.24 -10.32 -13.08
CA ILE A 227 -9.46 -10.59 -14.27
C ILE A 227 -8.37 -11.62 -13.94
N ALA A 228 -7.51 -11.29 -12.99
CA ALA A 228 -6.44 -12.20 -12.61
C ALA A 228 -7.02 -13.46 -11.95
N ASP A 229 -6.18 -14.48 -11.85
CA ASP A 229 -6.55 -15.70 -11.15
C ASP A 229 -6.37 -15.57 -9.65
N VAL A 230 -5.47 -14.69 -9.22
CA VAL A 230 -5.23 -14.48 -7.79
C VAL A 230 -4.73 -13.06 -7.63
N THR A 231 -5.33 -12.35 -6.67
CA THR A 231 -5.02 -10.95 -6.37
C THR A 231 -4.76 -10.84 -4.88
N THR A 232 -3.65 -10.19 -4.51
CA THR A 232 -3.34 -9.94 -3.11
C THR A 232 -3.27 -8.43 -2.83
N THR A 233 -3.25 -8.10 -1.55
CA THR A 233 -3.14 -6.70 -1.15
C THR A 233 -2.78 -6.57 0.33
N THR A 234 -2.10 -5.48 0.65
CA THR A 234 -2.10 -4.97 2.01
C THR A 234 -3.47 -4.41 2.37
N THR A 235 -3.83 -4.52 3.64
CA THR A 235 -5.03 -3.80 4.05
C THR A 235 -4.75 -2.36 4.46
N HIS A 236 -3.48 -2.00 4.72
CA HIS A 236 -3.11 -0.61 5.00
C HIS A 236 -2.85 0.11 3.68
N LYS A 237 -2.08 1.21 3.69
CA LYS A 237 -1.82 2.03 2.49
C LYS A 237 -3.15 2.64 2.02
N THR A 238 -3.48 2.62 0.72
CA THR A 238 -4.66 3.33 0.24
C THR A 238 -5.95 2.72 0.77
N LEU A 239 -5.92 1.44 1.16
CA LEU A 239 -7.10 0.81 1.73
C LEU A 239 -7.37 1.28 3.15
N ARG A 240 -6.38 1.91 3.80
CA ARG A 240 -6.52 2.59 5.09
C ARG A 240 -7.01 1.68 6.20
N GLY A 241 -6.62 0.41 6.19
CA GLY A 241 -6.97 -0.47 7.28
C GLY A 241 -5.77 -0.77 8.14
N PRO A 242 -5.79 -1.90 8.84
CA PRO A 242 -4.62 -2.33 9.63
C PRO A 242 -3.48 -2.81 8.73
N ARG A 243 -2.26 -2.92 9.31
CA ARG A 243 -1.13 -3.50 8.60
C ARG A 243 -1.33 -5.00 8.51
N SER A 244 -1.74 -5.47 7.33
CA SER A 244 -2.01 -6.89 7.18
C SER A 244 -2.09 -7.22 5.69
N GLY A 245 -2.39 -8.48 5.42
CA GLY A 245 -2.46 -8.95 4.05
C GLY A 245 -3.76 -9.67 3.79
N LEU A 246 -4.11 -9.72 2.52
CA LEU A 246 -5.38 -10.25 2.07
C LEU A 246 -5.13 -10.92 0.72
N ILE A 247 -5.87 -11.99 0.46
CA ILE A 247 -5.82 -12.68 -0.83
C ILE A 247 -7.23 -12.77 -1.37
N LEU A 248 -7.39 -12.47 -2.66
CA LEU A 248 -8.63 -12.66 -3.39
C LEU A 248 -8.35 -13.47 -4.66
N ALA A 249 -9.40 -13.99 -5.29
CA ALA A 249 -9.25 -14.71 -6.55
C ALA A 249 -10.60 -14.82 -7.23
N LYS A 250 -10.56 -15.01 -8.55
CA LYS A 250 -11.75 -15.42 -9.29
C LYS A 250 -12.03 -16.89 -9.03
N ALA A 251 -13.32 -17.26 -9.04
CA ALA A 251 -13.73 -18.62 -8.67
C ALA A 251 -12.97 -19.67 -9.45
N ASN A 252 -12.48 -20.68 -8.73
CA ASN A 252 -11.60 -21.69 -9.30
C ASN A 252 -11.34 -22.80 -8.28
N GLU A 253 -12.05 -23.93 -8.40
CA GLU A 253 -12.09 -24.91 -7.33
C GLU A 253 -10.68 -25.34 -6.91
N GLU A 254 -9.86 -25.79 -7.87
CA GLU A 254 -8.52 -26.26 -7.58
C GLU A 254 -7.65 -25.14 -6.98
N ILE A 255 -7.68 -23.94 -7.56
CA ILE A 255 -6.88 -22.84 -7.04
C ILE A 255 -7.30 -22.50 -5.62
N GLU A 256 -8.61 -22.35 -5.40
CA GLU A 256 -9.09 -22.00 -4.07
C GLU A 256 -8.61 -23.00 -3.02
N LYS A 257 -8.49 -24.28 -3.40
CA LYS A 257 -7.99 -25.28 -2.46
C LYS A 257 -6.53 -25.03 -2.12
N LYS A 258 -5.71 -24.68 -3.12
CA LYS A 258 -4.30 -24.44 -2.87
C LYS A 258 -4.09 -23.22 -1.99
N LEU A 259 -4.65 -22.07 -2.39
CA LEU A 259 -4.45 -20.85 -1.60
C LEU A 259 -4.77 -21.09 -0.13
N GLN A 260 -5.86 -21.80 0.15
CA GLN A 260 -6.16 -22.22 1.53
C GLN A 260 -4.94 -22.85 2.20
N SER A 261 -4.41 -23.92 1.60
CA SER A 261 -3.37 -24.69 2.28
C SER A 261 -2.04 -23.96 2.32
N ALA A 262 -1.72 -23.13 1.30
CA ALA A 262 -0.46 -22.39 1.31
C ALA A 262 -0.39 -21.37 2.45
N VAL A 263 -1.52 -20.73 2.75
CA VAL A 263 -1.57 -19.82 3.91
C VAL A 263 -1.34 -20.60 5.18
N PHE A 264 -2.21 -21.58 5.46
CA PHE A 264 -2.10 -22.40 6.65
C PHE A 264 -2.39 -23.83 6.21
N PRO A 265 -1.51 -24.79 6.53
CA PRO A 265 -0.32 -24.62 7.38
C PRO A 265 0.99 -24.36 6.62
N GLY A 266 0.92 -23.93 5.36
CA GLY A 266 2.15 -23.76 4.58
C GLY A 266 3.04 -22.65 5.11
N ASN A 267 2.47 -21.48 5.36
CA ASN A 267 3.21 -20.30 5.81
C ASN A 267 2.99 -19.94 7.27
N GLN A 268 1.82 -20.26 7.83
CA GLN A 268 1.40 -19.71 9.10
C GLN A 268 0.92 -20.79 10.04
N GLY A 269 0.88 -20.45 11.33
CA GLY A 269 0.04 -21.11 12.31
C GLY A 269 -1.32 -20.44 12.33
N GLY A 270 -1.81 -20.08 13.53
CA GLY A 270 -3.13 -19.51 13.68
C GLY A 270 -3.20 -18.06 13.22
N PRO A 271 -4.38 -17.60 12.86
CA PRO A 271 -4.53 -16.19 12.48
C PRO A 271 -4.61 -15.28 13.70
N LEU A 272 -4.47 -13.99 13.45
CA LEU A 272 -4.61 -12.97 14.49
C LEU A 272 -6.04 -12.43 14.42
N MET A 273 -6.94 -13.00 15.24
CA MET A 273 -8.36 -12.69 15.10
C MET A 273 -8.64 -11.20 15.29
N HIS A 274 -7.86 -10.51 16.13
CA HIS A 274 -8.03 -9.08 16.31
C HIS A 274 -7.65 -8.30 15.06
N ALA A 275 -6.62 -8.72 14.32
CA ALA A 275 -6.37 -8.04 13.05
C ALA A 275 -7.43 -8.38 12.02
N ILE A 276 -8.02 -9.58 12.11
CA ILE A 276 -9.12 -9.95 11.21
C ILE A 276 -10.39 -9.13 11.51
N ALA A 277 -10.68 -8.83 12.78
CA ALA A 277 -11.80 -7.92 13.03
C ALA A 277 -11.50 -6.53 12.51
N ALA A 278 -10.24 -6.10 12.62
CA ALA A 278 -9.84 -4.82 12.04
C ALA A 278 -9.97 -4.82 10.52
N LYS A 279 -9.79 -5.96 9.87
CA LYS A 279 -9.96 -5.98 8.42
C LYS A 279 -11.42 -5.77 8.08
N ALA A 280 -12.30 -6.48 8.77
CA ALA A 280 -13.73 -6.34 8.58
C ALA A 280 -14.18 -4.88 8.74
N ILE A 281 -13.68 -4.20 9.78
CA ILE A 281 -14.00 -2.79 9.97
C ILE A 281 -13.61 -1.99 8.73
N CYS A 282 -12.34 -2.10 8.34
CA CYS A 282 -11.82 -1.31 7.22
C CYS A 282 -12.53 -1.65 5.91
N PHE A 283 -12.96 -2.90 5.73
CA PHE A 283 -13.66 -3.22 4.49
C PHE A 283 -15.01 -2.53 4.48
N LYS A 284 -15.72 -2.57 5.61
CA LYS A 284 -16.98 -1.83 5.69
C LYS A 284 -16.75 -0.35 5.41
N GLU A 285 -15.72 0.23 6.00
CA GLU A 285 -15.38 1.63 5.71
C GLU A 285 -15.18 1.87 4.23
N ALA A 286 -14.34 1.05 3.59
CA ALA A 286 -14.03 1.26 2.18
C ALA A 286 -15.25 1.07 1.28
N MET A 287 -16.36 0.53 1.81
CA MET A 287 -17.62 0.46 1.06
C MET A 287 -18.40 1.77 1.05
N SER A 288 -18.00 2.77 1.81
CA SER A 288 -18.85 3.94 2.02
C SER A 288 -18.68 4.97 0.91
N ASP A 289 -19.73 5.77 0.71
CA ASP A 289 -19.64 6.92 -0.19
C ASP A 289 -18.55 7.88 0.28
N ASP A 290 -18.46 8.11 1.61
CA ASP A 290 -17.40 8.95 2.16
C ASP A 290 -16.02 8.43 1.78
N PHE A 291 -15.85 7.10 1.68
CA PHE A 291 -14.56 6.57 1.27
C PHE A 291 -14.30 6.84 -0.20
N LYS A 292 -15.34 6.78 -1.04
CA LYS A 292 -15.17 7.13 -2.45
C LYS A 292 -14.76 8.59 -2.59
N ALA A 293 -15.41 9.48 -1.85
CA ALA A 293 -15.03 10.89 -1.88
C ALA A 293 -13.60 11.07 -1.40
N TYR A 294 -13.18 10.30 -0.40
CA TYR A 294 -11.82 10.41 0.08
C TYR A 294 -10.83 10.01 -1.02
N GLN A 295 -11.08 8.89 -1.69
CA GLN A 295 -10.17 8.47 -2.75
C GLN A 295 -10.19 9.45 -3.92
N GLN A 296 -11.32 10.10 -4.16
CA GLN A 296 -11.38 11.07 -5.25
C GLN A 296 -10.58 12.32 -4.93
N GLN A 297 -10.51 12.73 -3.65
CA GLN A 297 -9.65 13.85 -3.30
C GLN A 297 -8.18 13.44 -3.29
N VAL A 298 -7.89 12.21 -2.85
CA VAL A 298 -6.54 11.66 -2.96
C VAL A 298 -5.99 11.83 -4.38
N VAL A 299 -6.82 11.55 -5.38
CA VAL A 299 -6.36 11.63 -6.77
C VAL A 299 -6.14 13.08 -7.17
N LYS A 300 -7.12 13.95 -6.88
CA LYS A 300 -7.04 15.36 -7.28
C LYS A 300 -5.89 16.06 -6.57
N ASN A 301 -5.57 15.64 -5.35
CA ASN A 301 -4.42 16.23 -4.67
C ASN A 301 -3.12 15.81 -5.34
N ALA A 302 -3.01 14.55 -5.75
CA ALA A 302 -1.81 14.12 -6.46
C ALA A 302 -1.71 14.81 -7.82
N GLN A 303 -2.84 14.93 -8.54
CA GLN A 303 -2.81 15.65 -9.82
C GLN A 303 -2.38 17.10 -9.60
N ALA A 304 -2.88 17.73 -8.54
CA ALA A 304 -2.56 19.11 -8.27
C ALA A 304 -1.06 19.29 -8.04
N MET A 305 -0.48 18.46 -7.17
CA MET A 305 0.93 18.58 -6.88
C MET A 305 1.78 18.39 -8.14
N ALA A 306 1.44 17.38 -8.96
CA ALA A 306 2.23 17.15 -10.17
C ALA A 306 2.18 18.36 -11.09
N GLU A 307 1.05 19.06 -11.14
CA GLU A 307 0.96 20.27 -11.94
C GLU A 307 1.89 21.36 -11.42
N VAL A 308 1.94 21.54 -10.09
CA VAL A 308 2.83 22.53 -9.51
C VAL A 308 4.29 22.21 -9.85
N PHE A 309 4.70 20.95 -9.64
CA PHE A 309 6.09 20.59 -9.91
C PHE A 309 6.45 20.81 -11.37
N ILE A 310 5.55 20.46 -12.29
CA ILE A 310 5.78 20.73 -13.71
C ILE A 310 5.90 22.23 -13.96
N ALA A 311 4.97 23.01 -13.42
CA ALA A 311 5.02 24.46 -13.59
C ALA A 311 6.24 25.09 -12.93
N ARG A 312 6.92 24.37 -12.04
CA ARG A 312 8.11 24.86 -11.38
C ARG A 312 9.39 24.36 -12.05
N GLY A 313 9.28 23.82 -13.26
CA GLY A 313 10.44 23.35 -13.98
C GLY A 313 10.96 21.99 -13.59
N TYR A 314 10.10 21.11 -13.09
CA TYR A 314 10.50 19.76 -12.73
C TYR A 314 9.89 18.76 -13.70
N ASP A 315 10.46 17.57 -13.70
CA ASP A 315 9.94 16.45 -14.46
C ASP A 315 9.15 15.52 -13.55
N VAL A 316 8.07 14.97 -14.09
CA VAL A 316 7.31 13.90 -13.46
C VAL A 316 7.28 12.73 -14.43
N VAL A 317 7.59 11.54 -13.91
CA VAL A 317 7.66 10.34 -14.76
C VAL A 317 6.30 10.08 -15.37
N SER A 318 6.28 9.83 -16.68
CA SER A 318 5.11 9.70 -17.54
C SER A 318 4.29 10.99 -17.62
N GLY A 319 4.83 12.12 -17.16
CA GLY A 319 4.20 13.41 -17.36
C GLY A 319 3.09 13.76 -16.39
N GLY A 320 2.82 12.91 -15.41
CA GLY A 320 1.80 13.23 -14.43
C GLY A 320 1.35 11.97 -13.72
N THR A 321 0.13 12.03 -13.18
CA THR A 321 -0.41 10.89 -12.47
C THR A 321 -1.88 10.69 -12.81
N ASP A 322 -2.30 9.42 -12.69
CA ASP A 322 -3.69 9.03 -12.71
C ASP A 322 -4.14 8.47 -11.37
N ASN A 323 -3.22 8.27 -10.43
CA ASN A 323 -3.56 7.73 -9.13
C ASN A 323 -3.05 8.62 -8.00
N HIS A 324 -2.57 8.00 -6.93
CA HIS A 324 -2.25 8.70 -5.69
C HIS A 324 -0.78 9.09 -5.58
N LEU A 325 0.09 8.57 -6.44
CA LEU A 325 1.52 8.86 -6.40
C LEU A 325 2.06 9.25 -7.77
N PHE A 326 3.24 9.82 -7.72
CA PHE A 326 4.06 10.01 -8.90
C PHE A 326 5.52 9.99 -8.46
N LEU A 327 6.42 9.94 -9.43
CA LEU A 327 7.85 10.09 -9.17
C LEU A 327 8.24 11.48 -9.63
N LEU A 328 8.80 12.27 -8.72
CA LEU A 328 9.45 13.53 -9.06
C LEU A 328 10.87 13.20 -9.52
N SER A 329 11.23 13.63 -10.72
CA SER A 329 12.59 13.40 -11.20
C SER A 329 13.47 14.60 -10.87
N LEU A 330 14.72 14.31 -10.51
CA LEU A 330 15.63 15.34 -10.06
C LEU A 330 16.83 15.53 -10.98
N ILE A 331 16.82 14.94 -12.18
CA ILE A 331 18.01 14.98 -13.02
C ILE A 331 18.32 16.42 -13.44
N LYS A 332 17.35 17.09 -14.07
CA LYS A 332 17.53 18.49 -14.47
C LYS A 332 18.02 19.34 -13.29
N GLN A 333 17.65 18.98 -12.07
CA GLN A 333 18.10 19.76 -10.93
C GLN A 333 19.49 19.39 -10.45
N ASP A 334 20.08 18.30 -10.96
CA ASP A 334 21.43 17.89 -10.59
C ASP A 334 21.54 17.55 -9.09
N VAL A 335 20.44 17.09 -8.49
CA VAL A 335 20.41 16.68 -7.09
C VAL A 335 20.07 15.20 -7.05
N THR A 336 20.65 14.49 -6.08
CA THR A 336 20.35 13.08 -5.93
C THR A 336 19.09 12.86 -5.10
N GLY A 337 18.55 11.64 -5.19
CA GLY A 337 17.36 11.31 -4.42
C GLY A 337 17.64 11.21 -2.93
N LYS A 338 18.82 10.71 -2.55
CA LYS A 338 19.19 10.69 -1.14
C LYS A 338 19.26 12.11 -0.59
N ASP A 339 19.97 12.99 -1.28
CA ASP A 339 20.09 14.37 -0.83
C ASP A 339 18.71 15.01 -0.63
N ALA A 340 17.82 14.87 -1.61
CA ALA A 340 16.55 15.57 -1.53
C ALA A 340 15.68 14.98 -0.42
N ASP A 341 15.80 13.67 -0.22
CA ASP A 341 15.17 12.99 0.91
C ASP A 341 15.56 13.68 2.22
N ALA A 342 16.86 13.83 2.46
CA ALA A 342 17.34 14.37 3.73
C ALA A 342 16.87 15.81 3.96
N TRP A 343 17.10 16.69 2.98
CA TRP A 343 16.65 18.08 3.09
C TRP A 343 15.18 18.17 3.47
N LEU A 344 14.33 17.44 2.74
CA LEU A 344 12.90 17.52 2.97
C LEU A 344 12.55 16.95 4.35
N GLY A 345 13.16 15.81 4.70
CA GLY A 345 12.96 15.26 6.03
C GLY A 345 13.35 16.23 7.12
N ALA A 346 14.45 16.96 6.92
CA ALA A 346 14.83 18.00 7.88
C ALA A 346 13.80 19.12 7.96
N ALA A 347 12.99 19.31 6.93
CA ALA A 347 11.91 20.28 6.97
C ALA A 347 10.58 19.65 7.40
N HIS A 348 10.62 18.45 7.96
CA HIS A 348 9.45 17.71 8.43
C HIS A 348 8.53 17.29 7.29
N ILE A 349 9.06 17.21 6.07
CA ILE A 349 8.37 16.61 4.93
C ILE A 349 9.03 15.28 4.63
N THR A 350 8.24 14.23 4.51
CA THR A 350 8.76 12.87 4.45
C THR A 350 8.44 12.21 3.12
N VAL A 351 9.49 11.82 2.41
CA VAL A 351 9.35 11.13 1.13
C VAL A 351 10.25 9.90 1.15
N ASN A 352 10.47 9.28 0.00
CA ASN A 352 11.60 8.36 -0.11
C ASN A 352 12.29 8.57 -1.45
N LYS A 353 13.61 8.41 -1.44
CA LYS A 353 14.34 8.39 -2.70
C LYS A 353 13.85 7.21 -3.51
N ASN A 354 13.71 7.41 -4.81
CA ASN A 354 13.26 6.36 -5.70
C ASN A 354 14.01 6.50 -7.03
N SER A 355 14.34 5.39 -7.65
CA SER A 355 15.04 5.52 -8.92
C SER A 355 14.02 5.70 -10.04
N VAL A 356 14.43 6.47 -11.05
CA VAL A 356 13.56 6.81 -12.19
C VAL A 356 13.87 5.84 -13.34
N PRO A 357 13.02 5.72 -14.35
CA PRO A 357 13.36 4.87 -15.50
C PRO A 357 14.74 5.22 -16.02
N ASN A 358 15.57 4.18 -16.22
CA ASN A 358 16.94 4.34 -16.68
C ASN A 358 17.70 5.36 -15.83
N ASP A 359 17.46 5.34 -14.52
CA ASP A 359 18.14 6.28 -13.62
C ASP A 359 19.66 6.17 -13.80
N PRO A 360 20.35 7.29 -14.06
CA PRO A 360 21.81 7.23 -14.25
C PRO A 360 22.61 7.26 -12.96
N ARG A 361 21.96 7.43 -11.81
CA ARG A 361 22.58 7.25 -10.51
C ARG A 361 22.26 5.84 -10.00
N SER A 362 23.04 5.38 -9.03
CA SER A 362 22.91 4.01 -8.55
C SER A 362 21.66 3.85 -7.66
N PRO A 363 21.19 2.61 -7.49
CA PRO A 363 19.95 2.41 -6.72
C PRO A 363 20.02 2.94 -5.30
N PHE A 364 21.20 3.00 -4.69
CA PHE A 364 21.36 3.57 -3.36
C PHE A 364 21.47 5.09 -3.36
N VAL A 365 21.33 5.75 -4.51
CA VAL A 365 21.52 7.20 -4.60
C VAL A 365 20.30 7.80 -5.29
N THR A 366 19.99 7.28 -6.48
CA THR A 366 18.83 7.61 -7.30
C THR A 366 18.81 9.05 -7.78
N SER A 367 17.90 9.32 -8.71
CA SER A 367 17.65 10.62 -9.30
C SER A 367 16.17 10.97 -9.18
N GLY A 368 15.55 10.63 -8.05
CA GLY A 368 14.16 10.96 -7.86
C GLY A 368 13.67 10.69 -6.45
N ILE A 369 12.41 11.09 -6.24
CA ILE A 369 11.71 10.82 -4.99
C ILE A 369 10.30 10.38 -5.36
N ARG A 370 9.71 9.55 -4.50
CA ARG A 370 8.33 9.13 -4.67
C ARG A 370 7.44 9.86 -3.67
N ILE A 371 6.39 10.51 -4.19
CA ILE A 371 5.49 11.34 -3.39
C ILE A 371 4.08 10.81 -3.55
N GLY A 372 3.42 10.57 -2.44
CA GLY A 372 2.02 10.14 -2.46
C GLY A 372 1.19 10.95 -1.50
N THR A 373 -0.07 11.20 -1.90
CA THR A 373 -0.97 12.04 -1.10
C THR A 373 -2.01 11.31 -0.24
N PRO A 374 -1.99 9.98 -0.04
CA PRO A 374 -3.07 9.39 0.79
C PRO A 374 -3.13 9.91 2.21
N ALA A 375 -1.98 10.18 2.83
CA ALA A 375 -1.92 10.54 4.25
C ALA A 375 -2.37 11.98 4.46
N VAL A 376 -1.82 12.91 3.68
CA VAL A 376 -2.18 14.32 3.82
C VAL A 376 -3.64 14.51 3.48
N THR A 377 -4.15 13.75 2.50
CA THR A 377 -5.58 13.83 2.22
C THR A 377 -6.41 13.36 3.40
N THR A 378 -5.90 12.37 4.13
CA THR A 378 -6.65 11.82 5.26
C THR A 378 -6.80 12.84 6.39
N ARG A 379 -5.77 13.66 6.65
CA ARG A 379 -5.92 14.72 7.65
C ARG A 379 -6.53 15.98 7.07
N GLY A 380 -7.14 15.91 5.89
CA GLY A 380 -7.94 17.01 5.40
C GLY A 380 -7.25 18.00 4.52
N PHE A 381 -6.04 17.71 4.06
CA PHE A 381 -5.41 18.58 3.08
C PHE A 381 -6.24 18.58 1.81
N GLY A 382 -6.48 19.77 1.27
CA GLY A 382 -7.09 19.91 -0.03
C GLY A 382 -6.08 20.34 -1.07
N GLU A 383 -6.58 20.64 -2.27
CA GLU A 383 -5.71 21.01 -3.37
C GLU A 383 -4.86 22.23 -3.04
N ALA A 384 -5.47 23.25 -2.39
CA ALA A 384 -4.72 24.45 -2.00
C ALA A 384 -3.58 24.13 -1.05
N GLU A 385 -3.78 23.19 -0.12
CA GLU A 385 -2.72 22.86 0.83
C GLU A 385 -1.57 22.13 0.14
N VAL A 386 -1.87 21.24 -0.82
CA VAL A 386 -0.83 20.44 -1.44
C VAL A 386 -0.10 21.20 -2.54
N ARG A 387 -0.79 22.10 -3.24
CA ARG A 387 -0.09 22.97 -4.17
C ARG A 387 0.94 23.82 -3.44
N GLU A 388 0.61 24.29 -2.24
CA GLU A 388 1.59 25.03 -1.46
C GLU A 388 2.70 24.11 -0.98
N LEU A 389 2.35 22.93 -0.48
CA LEU A 389 3.34 21.97 -0.02
C LEU A 389 4.33 21.64 -1.14
N ALA A 390 3.84 21.46 -2.36
CA ALA A 390 4.72 21.22 -3.49
C ALA A 390 5.62 22.42 -3.73
N GLY A 391 5.07 23.63 -3.61
CA GLY A 391 5.90 24.83 -3.67
C GLY A 391 7.00 24.82 -2.63
N TRP A 392 6.67 24.41 -1.39
CA TRP A 392 7.70 24.35 -0.36
C TRP A 392 8.74 23.29 -0.68
N ILE A 393 8.32 22.16 -1.25
CA ILE A 393 9.27 21.12 -1.64
C ILE A 393 10.19 21.64 -2.74
N ALA A 394 9.60 22.26 -3.76
CA ALA A 394 10.40 22.85 -4.82
C ALA A 394 11.30 23.96 -4.30
N ASP A 395 10.86 24.68 -3.26
CA ASP A 395 11.73 25.66 -2.62
C ASP A 395 12.96 25.00 -2.00
N VAL A 396 12.78 23.85 -1.34
CA VAL A 396 13.90 23.19 -0.67
C VAL A 396 14.88 22.62 -1.70
N ILE A 397 14.36 21.88 -2.69
CA ILE A 397 15.25 21.23 -3.65
C ILE A 397 15.96 22.26 -4.51
N ASP A 398 15.24 23.28 -5.00
CA ASP A 398 15.89 24.34 -5.78
C ASP A 398 17.08 24.92 -5.02
N SER A 399 16.90 25.19 -3.74
CA SER A 399 17.91 25.87 -2.92
C SER A 399 19.10 24.98 -2.62
N LYS A 400 19.09 23.74 -3.10
CA LYS A 400 20.08 22.74 -2.71
C LYS A 400 20.15 22.66 -1.18
N GLY A 401 18.98 22.42 -0.58
CA GLY A 401 18.89 22.18 0.85
C GLY A 401 19.49 23.28 1.70
N ASP A 402 19.30 24.54 1.31
CA ASP A 402 19.76 25.66 2.11
C ASP A 402 19.10 25.62 3.49
N GLU A 403 19.87 26.02 4.52
CA GLU A 403 19.40 25.88 5.89
C GLU A 403 18.24 26.83 6.20
N LYS A 404 18.35 28.08 5.75
CA LYS A 404 17.28 29.04 5.98
C LYS A 404 16.02 28.66 5.22
N VAL A 405 16.17 28.06 4.03
CA VAL A 405 15.00 27.59 3.29
C VAL A 405 14.31 26.47 4.06
N ILE A 406 15.10 25.52 4.56
CA ILE A 406 14.55 24.40 5.33
C ILE A 406 13.92 24.90 6.62
N ALA A 407 14.56 25.86 7.28
CA ALA A 407 14.00 26.41 8.52
C ALA A 407 12.61 26.97 8.27
N ASP A 408 12.42 27.74 7.20
CA ASP A 408 11.12 28.37 6.94
C ASP A 408 10.08 27.34 6.55
N VAL A 409 10.48 26.31 5.80
CA VAL A 409 9.53 25.29 5.38
C VAL A 409 9.10 24.46 6.57
N LYS A 410 10.02 24.21 7.50
CA LYS A 410 9.67 23.47 8.71
C LYS A 410 8.60 24.18 9.51
N ALA A 411 8.76 25.49 9.70
CA ALA A 411 7.77 26.26 10.46
C ALA A 411 6.44 26.32 9.73
N LYS A 412 6.45 26.49 8.42
CA LYS A 412 5.21 26.45 7.64
C LYS A 412 4.54 25.08 7.76
N VAL A 413 5.33 24.01 7.65
CA VAL A 413 4.78 22.65 7.77
C VAL A 413 4.16 22.44 9.15
N GLU A 414 4.89 22.79 10.20
CA GLU A 414 4.41 22.49 11.55
C GLU A 414 3.11 23.22 11.85
N ALA A 415 2.87 24.37 11.20
CA ALA A 415 1.67 25.14 11.43
C ALA A 415 0.48 24.57 10.66
N VAL A 416 0.67 24.19 9.39
CA VAL A 416 -0.43 23.57 8.65
C VAL A 416 -0.79 22.22 9.26
N CYS A 417 0.18 21.54 9.88
CA CYS A 417 -0.12 20.28 10.54
C CYS A 417 -0.97 20.52 11.79
N ALA A 418 -0.67 21.59 12.51
CA ALA A 418 -1.48 21.96 13.67
C ALA A 418 -2.89 22.33 13.24
N LYS A 419 -3.02 22.95 12.07
CA LYS A 419 -4.35 23.35 11.62
C LYS A 419 -5.14 22.15 11.10
N PHE A 420 -4.45 21.08 10.68
CA PHE A 420 -5.09 19.87 10.16
C PHE A 420 -4.59 18.66 10.94
N PRO A 421 -5.08 18.49 12.17
CA PRO A 421 -4.66 17.32 12.95
C PRO A 421 -5.23 16.05 12.36
N VAL A 422 -4.48 14.97 12.53
CA VAL A 422 -4.90 13.68 11.98
C VAL A 422 -6.07 13.15 12.76
N TYR A 423 -5.84 12.89 14.03
CA TYR A 423 -6.86 12.42 14.94
C TYR A 423 -7.32 13.58 15.82
N ALA A 424 -8.61 13.60 16.12
CA ALA A 424 -9.19 14.62 16.98
C ALA A 424 -9.02 14.21 18.43
N LYS A 425 -8.27 15.02 19.19
CA LYS A 425 -8.16 14.86 20.64
C LYS A 425 -9.51 14.54 21.30
#